data_1EDO
#
_entry.id   1EDO
#
_cell.length_a   129.280
_cell.length_b   129.280
_cell.length_c   92.640
_cell.angle_alpha   90.00
_cell.angle_beta   90.00
_cell.angle_gamma   120.00
#
_symmetry.space_group_name_H-M   'P 64 2 2'
#
loop_
_entity.id
_entity.type
_entity.pdbx_description
1 polymer 'BETA-KETO ACYL CARRIER PROTEIN REDUCTASE'
2 non-polymer 'NADP NICOTINAMIDE-ADENINE-DINUCLEOTIDE PHOSPHATE'
3 water water
#
_entity_poly.entity_id   1
_entity_poly.type   'polypeptide(L)'
_entity_poly.pdbx_seq_one_letter_code
;SPVVVVTGASRGIGKAIALSLGKAGCKVLVNYARSAKAAEEVSKQIEAYGGQAITFGGDVSKEADVEAMMKTAIDAWGTI
DVVVNNAGITRDTLLIRMKKSQWDEVIDLNLTGVFLCTQAATKIMMKKRKGRIINIASVVGLIGNIGQANYAAAKAGVIG
FSKTAAREGASRNINVNVVCPGFIASDMTAKLGEDMEKKILGTIPLGRTGQPENVAGLVEFLALSPAASYITGQAFTIDG
GIAI
;
_entity_poly.pdbx_strand_id   A
#
# COMPACT_ATOMS: atom_id res chain seq x y z
N SER A 1 -9.71 -10.92 16.33
CA SER A 1 -8.45 -10.37 15.81
C SER A 1 -8.33 -10.56 14.28
N PRO A 2 -8.36 -9.45 13.54
CA PRO A 2 -8.32 -9.53 12.09
C PRO A 2 -6.95 -9.91 11.56
N VAL A 3 -6.94 -10.67 10.49
CA VAL A 3 -5.69 -11.04 9.86
C VAL A 3 -5.45 -10.03 8.74
N VAL A 4 -4.33 -9.33 8.83
CA VAL A 4 -3.99 -8.32 7.85
C VAL A 4 -2.69 -8.65 7.11
N VAL A 5 -2.72 -8.57 5.80
CA VAL A 5 -1.54 -8.77 4.98
C VAL A 5 -1.07 -7.39 4.47
N VAL A 6 0.14 -6.98 4.83
CA VAL A 6 0.69 -5.71 4.39
C VAL A 6 1.92 -5.93 3.48
N THR A 7 1.84 -5.55 2.20
CA THR A 7 2.98 -5.72 1.30
C THR A 7 3.97 -4.56 1.48
N GLY A 8 5.25 -4.85 1.39
CA GLY A 8 6.29 -3.84 1.57
C GLY A 8 6.21 -3.24 2.98
N ALA A 9 6.12 -4.11 3.99
CA ALA A 9 6.00 -3.68 5.38
C ALA A 9 7.33 -3.52 6.15
N SER A 10 8.46 -3.73 5.48
CA SER A 10 9.74 -3.61 6.17
C SER A 10 10.21 -2.20 6.39
N ARG A 11 9.76 -1.27 5.55
CA ARG A 11 10.18 0.15 5.68
C ARG A 11 9.05 1.15 5.49
N GLY A 12 9.37 2.42 5.72
CA GLY A 12 8.44 3.54 5.53
C GLY A 12 6.96 3.35 5.89
N ILE A 13 6.09 3.70 4.94
CA ILE A 13 4.65 3.65 5.14
C ILE A 13 4.10 2.26 5.49
N GLY A 14 4.54 1.25 4.77
CA GLY A 14 4.07 -0.12 5.02
C GLY A 14 4.41 -0.55 6.44
N LYS A 15 5.55 -0.09 6.92
CA LYS A 15 5.99 -0.43 8.26
C LYS A 15 5.14 0.29 9.29
N ALA A 16 4.90 1.58 9.09
CA ALA A 16 4.07 2.35 10.03
C ALA A 16 2.70 1.70 10.09
N ILE A 17 2.22 1.29 8.93
CA ILE A 17 0.93 0.61 8.86
C ILE A 17 0.96 -0.69 9.66
N ALA A 18 1.98 -1.50 9.43
CA ALA A 18 2.12 -2.77 10.13
C ALA A 18 2.17 -2.60 11.65
N LEU A 19 2.98 -1.66 12.12
CA LEU A 19 3.08 -1.39 13.55
C LEU A 19 1.75 -0.94 14.11
N SER A 20 1.07 -0.06 13.40
CA SER A 20 -0.17 0.43 13.95
C SER A 20 -1.27 -0.62 14.02
N LEU A 21 -1.35 -1.49 13.03
CA LEU A 21 -2.38 -2.53 13.08
C LEU A 21 -2.03 -3.61 14.11
N GLY A 22 -0.74 -3.72 14.40
CA GLY A 22 -0.25 -4.66 15.38
C GLY A 22 -0.60 -4.11 16.76
N LYS A 23 -0.30 -2.84 16.99
CA LYS A 23 -0.63 -2.22 18.28
C LYS A 23 -2.13 -2.30 18.60
N ALA A 24 -2.96 -2.52 17.58
CA ALA A 24 -4.40 -2.63 17.77
C ALA A 24 -4.76 -4.08 17.91
N GLY A 25 -3.73 -4.90 17.96
CA GLY A 25 -3.89 -6.33 18.14
C GLY A 25 -4.27 -7.20 16.95
N CYS A 26 -3.92 -6.79 15.73
CA CYS A 26 -4.25 -7.65 14.58
C CYS A 26 -3.16 -8.68 14.41
N LYS A 27 -3.43 -9.68 13.58
CA LYS A 27 -2.42 -10.68 13.19
C LYS A 27 -1.89 -10.13 11.87
N VAL A 28 -0.60 -9.77 11.86
CA VAL A 28 0.01 -9.14 10.71
C VAL A 28 1.10 -9.88 9.96
N LEU A 29 0.88 -10.12 8.67
CA LEU A 29 1.85 -10.73 7.81
C LEU A 29 2.70 -9.59 7.28
N VAL A 30 3.93 -9.47 7.73
CA VAL A 30 4.78 -8.41 7.24
C VAL A 30 5.64 -8.89 6.07
N ASN A 31 5.30 -8.45 4.86
CA ASN A 31 6.03 -8.85 3.67
C ASN A 31 7.22 -7.94 3.43
N TYR A 32 8.26 -8.49 2.86
CA TYR A 32 9.45 -7.71 2.54
C TYR A 32 10.07 -8.33 1.32
N ALA A 33 10.98 -7.62 0.69
CA ALA A 33 11.60 -8.15 -0.52
C ALA A 33 13.03 -8.42 -0.23
N ARG A 34 13.73 -7.40 0.23
CA ARG A 34 15.14 -7.54 0.50
C ARG A 34 15.51 -7.25 1.95
N SER A 35 14.66 -6.52 2.66
CA SER A 35 14.99 -6.14 4.04
C SER A 35 14.51 -7.08 5.11
N ALA A 36 15.03 -8.29 5.07
CA ALA A 36 14.70 -9.34 6.04
C ALA A 36 14.87 -8.92 7.50
N LYS A 37 16.02 -8.34 7.80
CA LYS A 37 16.28 -7.93 9.16
C LYS A 37 15.29 -6.87 9.61
N ALA A 38 15.01 -5.94 8.73
CA ALA A 38 14.12 -4.84 9.14
C ALA A 38 12.70 -5.38 9.36
N ALA A 39 12.26 -6.36 8.58
CA ALA A 39 10.93 -6.94 8.74
C ALA A 39 10.84 -7.64 10.09
N GLU A 40 11.90 -8.38 10.45
CA GLU A 40 11.93 -9.14 11.71
C GLU A 40 11.74 -8.20 12.90
N GLU A 41 12.43 -7.06 12.87
CA GLU A 41 12.30 -6.09 13.94
C GLU A 41 10.86 -5.57 14.02
N VAL A 42 10.20 -5.50 12.88
CA VAL A 42 8.84 -5.03 12.85
C VAL A 42 7.98 -6.09 13.52
N SER A 43 8.23 -7.34 13.17
CA SER A 43 7.50 -8.46 13.74
C SER A 43 7.64 -8.46 15.26
N LYS A 44 8.86 -8.21 15.74
CA LYS A 44 9.12 -8.25 17.16
C LYS A 44 8.37 -7.15 17.90
N GLN A 45 8.37 -5.95 17.31
CA GLN A 45 7.67 -4.80 17.89
C GLN A 45 6.17 -5.08 18.00
N ILE A 46 5.60 -5.60 16.92
CA ILE A 46 4.18 -5.93 16.90
C ILE A 46 3.89 -6.87 18.06
N GLU A 47 4.78 -7.82 18.28
CA GLU A 47 4.64 -8.79 19.34
C GLU A 47 4.75 -8.19 20.73
N ALA A 48 5.74 -7.33 20.94
CA ALA A 48 5.93 -6.69 22.21
C ALA A 48 4.65 -5.96 22.62
N TYR A 49 3.88 -5.59 21.58
CA TYR A 49 2.63 -4.85 21.69
C TYR A 49 1.45 -5.71 21.98
N GLY A 50 1.52 -6.98 21.59
CA GLY A 50 0.40 -7.85 21.81
C GLY A 50 -0.31 -8.26 20.53
N GLY A 51 0.25 -7.87 19.38
CA GLY A 51 -0.34 -8.29 18.12
C GLY A 51 0.41 -9.56 17.77
N GLN A 52 0.09 -10.18 16.65
CA GLN A 52 0.81 -11.38 16.23
C GLN A 52 1.43 -11.07 14.84
N ALA A 53 2.60 -11.63 14.56
CA ALA A 53 3.28 -11.36 13.29
C ALA A 53 4.09 -12.51 12.71
N ILE A 54 4.06 -12.65 11.47
CA ILE A 54 4.85 -13.58 10.65
C ILE A 54 5.48 -12.84 9.48
N THR A 55 6.80 -12.96 9.31
CA THR A 55 7.49 -12.27 8.22
C THR A 55 7.49 -13.14 6.97
N PHE A 56 7.45 -12.53 5.78
CA PHE A 56 7.40 -13.27 4.53
C PHE A 56 8.15 -12.50 3.44
N GLY A 57 9.25 -13.09 2.97
CA GLY A 57 10.06 -12.51 1.95
C GLY A 57 9.53 -12.99 0.62
N GLY A 58 9.13 -12.05 -0.21
CA GLY A 58 8.59 -12.38 -1.51
C GLY A 58 8.45 -11.12 -2.33
N ASP A 59 8.62 -11.29 -3.64
CA ASP A 59 8.50 -10.22 -4.61
C ASP A 59 7.04 -10.18 -5.07
N VAL A 60 6.28 -9.16 -4.68
CA VAL A 60 4.86 -9.09 -5.06
C VAL A 60 4.52 -8.82 -6.53
N SER A 61 5.52 -8.73 -7.37
CA SER A 61 5.27 -8.57 -8.79
C SER A 61 5.25 -9.94 -9.46
N LYS A 62 5.49 -10.99 -8.66
CA LYS A 62 5.51 -12.36 -9.18
C LYS A 62 4.33 -13.17 -8.70
N GLU A 63 3.57 -13.78 -9.61
CA GLU A 63 2.44 -14.55 -9.15
C GLU A 63 2.75 -15.60 -8.12
N ALA A 64 3.80 -16.37 -8.35
CA ALA A 64 4.19 -17.42 -7.43
C ALA A 64 4.36 -16.90 -6.02
N ASP A 65 5.13 -15.82 -5.87
CA ASP A 65 5.38 -15.24 -4.55
C ASP A 65 4.10 -14.76 -3.87
N VAL A 66 3.19 -14.25 -4.68
CA VAL A 66 1.94 -13.75 -4.19
C VAL A 66 1.05 -14.87 -3.68
N GLU A 67 0.96 -15.95 -4.44
CA GLU A 67 0.12 -17.05 -4.03
C GLU A 67 0.68 -17.69 -2.77
N ALA A 68 2.01 -17.67 -2.68
CA ALA A 68 2.71 -18.17 -1.52
C ALA A 68 2.46 -17.29 -0.31
N MET A 69 2.55 -15.98 -0.48
CA MET A 69 2.30 -15.04 0.62
C MET A 69 0.90 -15.22 1.20
N MET A 70 -0.10 -15.38 0.34
CA MET A 70 -1.45 -15.59 0.83
C MET A 70 -1.54 -16.92 1.58
N LYS A 71 -0.96 -17.96 1.00
CA LYS A 71 -0.96 -19.30 1.62
C LYS A 71 -0.37 -19.23 3.04
N THR A 72 0.77 -18.57 3.20
CA THR A 72 1.33 -18.48 4.52
C THR A 72 0.45 -17.87 5.59
N ALA A 73 -0.35 -16.87 5.24
CA ALA A 73 -1.25 -16.29 6.22
C ALA A 73 -2.41 -17.25 6.48
N ILE A 74 -2.90 -17.88 5.42
CA ILE A 74 -3.97 -18.83 5.58
C ILE A 74 -3.56 -20.09 6.36
N ASP A 75 -2.31 -20.52 6.23
CA ASP A 75 -1.89 -21.69 6.97
C ASP A 75 -1.75 -21.32 8.42
N ALA A 76 -1.27 -20.12 8.66
CA ALA A 76 -1.04 -19.65 10.02
C ALA A 76 -2.31 -19.36 10.81
N TRP A 77 -3.15 -18.51 10.25
CA TRP A 77 -4.41 -18.11 10.84
C TRP A 77 -5.43 -18.68 9.85
N GLY A 78 -6.71 -18.61 10.11
CA GLY A 78 -7.59 -19.30 9.17
C GLY A 78 -8.06 -18.59 7.91
N THR A 79 -7.72 -17.30 7.81
CA THR A 79 -8.24 -16.51 6.73
C THR A 79 -7.46 -15.20 6.63
N ILE A 80 -7.99 -14.30 5.81
CA ILE A 80 -7.44 -12.98 5.62
C ILE A 80 -8.63 -12.05 5.63
N ASP A 81 -8.55 -11.01 6.46
CA ASP A 81 -9.65 -10.05 6.61
C ASP A 81 -9.35 -8.78 5.85
N VAL A 82 -8.09 -8.37 5.91
CA VAL A 82 -7.63 -7.16 5.25
C VAL A 82 -6.31 -7.34 4.49
N VAL A 83 -6.23 -6.71 3.33
CA VAL A 83 -5.00 -6.71 2.52
C VAL A 83 -4.69 -5.26 2.17
N VAL A 84 -3.47 -4.84 2.47
CA VAL A 84 -3.03 -3.50 2.17
C VAL A 84 -1.93 -3.62 1.16
N ASN A 85 -2.22 -3.19 -0.07
CA ASN A 85 -1.25 -3.25 -1.16
C ASN A 85 -0.40 -1.99 -1.17
N ASN A 86 0.70 -2.06 -0.43
CA ASN A 86 1.57 -0.92 -0.25
C ASN A 86 2.88 -0.90 -1.02
N ALA A 87 3.48 -2.08 -1.26
CA ALA A 87 4.77 -2.13 -1.96
C ALA A 87 4.80 -1.28 -3.23
N GLY A 88 5.89 -0.55 -3.43
CA GLY A 88 6.03 0.25 -4.65
C GLY A 88 7.41 0.90 -4.75
N ILE A 89 7.77 1.31 -5.95
CA ILE A 89 9.04 1.94 -6.22
C ILE A 89 8.86 3.04 -7.24
N THR A 90 9.89 3.84 -7.44
CA THR A 90 9.89 4.88 -8.47
C THR A 90 11.13 4.69 -9.35
N ARG A 91 11.03 5.12 -10.61
CA ARG A 91 12.15 5.11 -11.55
C ARG A 91 11.98 6.39 -12.35
N ASP A 92 12.29 7.51 -11.70
CA ASP A 92 12.10 8.84 -12.28
C ASP A 92 13.02 9.24 -13.41
N THR A 93 12.45 9.88 -14.43
CA THR A 93 13.21 10.38 -15.56
C THR A 93 12.23 11.10 -16.48
N LEU A 94 12.68 12.12 -17.19
CA LEU A 94 11.81 12.80 -18.13
C LEU A 94 11.31 11.80 -19.15
N LEU A 95 10.12 12.04 -19.66
CA LEU A 95 9.50 11.15 -20.64
C LEU A 95 10.42 10.92 -21.84
N ILE A 96 11.10 11.99 -22.22
CA ILE A 96 11.98 12.01 -23.37
C ILE A 96 13.25 11.12 -23.30
N ARG A 97 13.65 10.77 -22.08
CA ARG A 97 14.84 9.96 -21.85
C ARG A 97 14.51 8.63 -21.19
N MET A 98 13.23 8.34 -21.06
CA MET A 98 12.80 7.14 -20.35
C MET A 98 13.00 5.85 -21.11
N LYS A 99 13.71 4.92 -20.48
CA LYS A 99 13.96 3.63 -21.08
C LYS A 99 12.79 2.74 -20.82
N LYS A 100 12.53 1.83 -21.75
CA LYS A 100 11.39 0.93 -21.60
C LYS A 100 11.48 0.13 -20.31
N SER A 101 12.69 -0.17 -19.87
CA SER A 101 12.87 -0.92 -18.65
C SER A 101 12.45 -0.08 -17.43
N GLN A 102 12.66 1.23 -17.51
CA GLN A 102 12.26 2.09 -16.41
C GLN A 102 10.75 2.16 -16.36
N TRP A 103 10.13 2.08 -17.52
CA TRP A 103 8.68 2.10 -17.56
C TRP A 103 8.13 0.81 -17.02
N ASP A 104 8.63 -0.31 -17.56
CA ASP A 104 8.17 -1.64 -17.21
C ASP A 104 8.28 -1.99 -15.72
N GLU A 105 9.41 -1.66 -15.13
CA GLU A 105 9.62 -1.99 -13.74
C GLU A 105 8.59 -1.32 -12.84
N VAL A 106 8.30 -0.06 -13.11
CA VAL A 106 7.34 0.68 -12.30
C VAL A 106 5.95 0.13 -12.53
N ILE A 107 5.64 -0.19 -13.78
CA ILE A 107 4.35 -0.74 -14.11
C ILE A 107 4.16 -2.14 -13.54
N ASP A 108 5.17 -3.00 -13.68
CA ASP A 108 5.09 -4.39 -13.20
C ASP A 108 4.80 -4.46 -11.71
N LEU A 109 5.49 -3.66 -10.92
CA LEU A 109 5.30 -3.69 -9.48
C LEU A 109 4.05 -2.91 -9.03
N ASN A 110 4.08 -1.60 -9.30
CA ASN A 110 3.03 -0.67 -8.87
C ASN A 110 1.64 -0.89 -9.39
N LEU A 111 1.50 -1.48 -10.57
CA LEU A 111 0.19 -1.72 -11.13
C LEU A 111 -0.18 -3.22 -11.19
N THR A 112 0.58 -3.99 -11.96
CA THR A 112 0.33 -5.42 -12.08
C THR A 112 0.41 -6.16 -10.73
N GLY A 113 1.36 -5.74 -9.91
CA GLY A 113 1.51 -6.34 -8.59
C GLY A 113 0.25 -6.15 -7.75
N VAL A 114 -0.35 -4.97 -7.88
CA VAL A 114 -1.56 -4.68 -7.14
C VAL A 114 -2.69 -5.54 -7.68
N PHE A 115 -2.64 -5.83 -8.97
CA PHE A 115 -3.63 -6.69 -9.58
C PHE A 115 -3.48 -8.11 -8.99
N LEU A 116 -2.25 -8.61 -8.96
CA LEU A 116 -1.99 -9.95 -8.48
C LEU A 116 -2.44 -10.10 -7.06
N CYS A 117 -1.99 -9.19 -6.21
CA CYS A 117 -2.38 -9.23 -4.80
C CYS A 117 -3.90 -9.13 -4.60
N THR A 118 -4.53 -8.19 -5.28
CA THR A 118 -5.98 -8.00 -5.15
C THR A 118 -6.74 -9.24 -5.62
N GLN A 119 -6.30 -9.79 -6.74
CA GLN A 119 -6.95 -10.96 -7.27
C GLN A 119 -6.84 -12.10 -6.27
N ALA A 120 -5.63 -12.35 -5.79
CA ALA A 120 -5.44 -13.41 -4.83
C ALA A 120 -6.31 -13.22 -3.56
N ALA A 121 -6.29 -12.02 -2.99
CA ALA A 121 -7.08 -11.74 -1.79
C ALA A 121 -8.56 -11.92 -2.03
N THR A 122 -9.00 -11.48 -3.20
CA THR A 122 -10.40 -11.54 -3.55
C THR A 122 -10.97 -12.94 -3.65
N LYS A 123 -10.19 -13.87 -4.17
CA LYS A 123 -10.70 -15.22 -4.32
C LYS A 123 -10.96 -15.79 -2.94
N ILE A 124 -10.09 -15.45 -2.00
CA ILE A 124 -10.23 -15.90 -0.64
C ILE A 124 -11.39 -15.17 0.04
N MET A 125 -11.44 -13.86 -0.14
CA MET A 125 -12.51 -13.07 0.45
C MET A 125 -13.92 -13.39 -0.05
N MET A 126 -14.04 -13.75 -1.32
CA MET A 126 -15.37 -14.07 -1.88
C MET A 126 -16.02 -15.20 -1.11
N LYS A 127 -15.22 -16.22 -0.85
CA LYS A 127 -15.71 -17.40 -0.14
C LYS A 127 -16.21 -17.05 1.25
N LYS A 128 -15.48 -16.20 1.95
CA LYS A 128 -15.86 -15.79 3.28
C LYS A 128 -16.98 -14.72 3.30
N ARG A 129 -17.29 -14.15 2.13
CA ARG A 129 -18.30 -13.08 1.99
C ARG A 129 -17.97 -11.89 2.91
N LYS A 130 -16.71 -11.52 2.95
CA LYS A 130 -16.25 -10.39 3.75
C LYS A 130 -14.77 -10.13 3.55
N GLY A 131 -14.38 -8.86 3.67
CA GLY A 131 -12.98 -8.49 3.52
C GLY A 131 -12.83 -7.03 3.10
N ARG A 132 -11.62 -6.51 3.28
CA ARG A 132 -11.31 -5.15 2.91
C ARG A 132 -9.98 -5.11 2.22
N ILE A 133 -9.92 -4.40 1.11
CA ILE A 133 -8.68 -4.22 0.37
C ILE A 133 -8.39 -2.73 0.23
N ILE A 134 -7.19 -2.33 0.62
CA ILE A 134 -6.78 -0.93 0.58
C ILE A 134 -5.50 -0.83 -0.24
N ASN A 135 -5.60 -0.10 -1.36
CA ASN A 135 -4.48 0.07 -2.26
C ASN A 135 -3.87 1.43 -2.11
N ILE A 136 -2.56 1.48 -1.92
CA ILE A 136 -1.86 2.75 -1.78
C ILE A 136 -1.47 3.29 -3.16
N ALA A 137 -2.05 4.43 -3.53
CA ALA A 137 -1.75 5.05 -4.82
C ALA A 137 -0.90 6.26 -4.57
N SER A 138 -1.27 7.39 -5.13
CA SER A 138 -0.52 8.61 -4.90
C SER A 138 -1.26 9.72 -5.56
N VAL A 139 -1.07 10.91 -5.03
CA VAL A 139 -1.65 12.10 -5.56
C VAL A 139 -1.14 12.33 -7.00
N VAL A 140 0.04 11.77 -7.28
CA VAL A 140 0.63 11.89 -8.62
C VAL A 140 -0.24 11.20 -9.65
N GLY A 141 -0.92 10.14 -9.24
CA GLY A 141 -1.81 9.46 -10.14
C GLY A 141 -2.99 10.36 -10.52
N LEU A 142 -3.22 11.40 -9.71
CA LEU A 142 -4.35 12.30 -9.94
C LEU A 142 -3.99 13.56 -10.73
N ILE A 143 -2.87 14.19 -10.34
CA ILE A 143 -2.49 15.47 -10.93
C ILE A 143 -1.18 15.43 -11.70
N GLY A 144 -0.67 14.23 -11.95
CA GLY A 144 0.56 14.07 -12.71
C GLY A 144 1.74 14.76 -12.02
N ASN A 145 2.93 14.62 -12.58
CA ASN A 145 4.13 15.22 -12.00
C ASN A 145 5.30 15.04 -12.95
N ILE A 146 6.01 16.12 -13.22
CA ILE A 146 7.16 16.06 -14.13
C ILE A 146 8.20 15.04 -13.68
N GLY A 147 8.68 14.22 -14.62
CA GLY A 147 9.68 13.22 -14.31
C GLY A 147 9.08 11.91 -13.83
N GLN A 148 7.75 11.83 -13.82
CA GLN A 148 7.12 10.61 -13.34
C GLN A 148 6.02 10.02 -14.18
N ALA A 149 6.16 10.04 -15.49
CA ALA A 149 5.12 9.50 -16.35
C ALA A 149 4.80 8.06 -16.04
N ASN A 150 5.84 7.29 -15.68
CA ASN A 150 5.67 5.86 -15.39
C ASN A 150 4.88 5.65 -14.10
N TYR A 151 5.31 6.34 -13.09
CA TYR A 151 4.70 6.24 -11.79
C TYR A 151 3.26 6.78 -11.82
N ALA A 152 3.07 7.89 -12.54
CA ALA A 152 1.74 8.49 -12.67
C ALA A 152 0.82 7.53 -13.37
N ALA A 153 1.32 6.86 -14.38
CA ALA A 153 0.51 5.92 -15.11
C ALA A 153 0.09 4.78 -14.22
N ALA A 154 1.05 4.25 -13.46
CA ALA A 154 0.76 3.10 -12.61
C ALA A 154 -0.19 3.47 -11.49
N LYS A 155 0.03 4.62 -10.86
CA LYS A 155 -0.81 5.03 -9.76
C LYS A 155 -2.23 5.34 -10.21
N ALA A 156 -2.36 5.99 -11.35
CA ALA A 156 -3.69 6.29 -11.88
C ALA A 156 -4.33 4.97 -12.22
N GLY A 157 -3.56 4.07 -12.77
CA GLY A 157 -4.10 2.75 -13.12
C GLY A 157 -4.64 2.04 -11.89
N VAL A 158 -3.97 2.21 -10.76
CA VAL A 158 -4.41 1.55 -9.52
C VAL A 158 -5.82 2.03 -9.15
N ILE A 159 -6.08 3.32 -9.38
CA ILE A 159 -7.39 3.87 -9.09
C ILE A 159 -8.50 3.30 -9.97
N GLY A 160 -8.30 3.26 -11.28
CA GLY A 160 -9.33 2.71 -12.18
C GLY A 160 -9.57 1.23 -11.88
N PHE A 161 -8.47 0.54 -11.59
CA PHE A 161 -8.54 -0.86 -11.27
C PHE A 161 -9.32 -1.07 -9.97
N SER A 162 -8.95 -0.32 -8.93
CA SER A 162 -9.65 -0.44 -7.64
C SER A 162 -11.16 -0.19 -7.76
N LYS A 163 -11.57 0.70 -8.67
CA LYS A 163 -13.00 0.98 -8.88
C LYS A 163 -13.78 -0.21 -9.46
N THR A 164 -13.16 -0.91 -10.40
CA THR A 164 -13.82 -2.09 -10.95
C THR A 164 -13.81 -3.16 -9.85
N ALA A 165 -12.67 -3.28 -9.15
CA ALA A 165 -12.53 -4.27 -8.09
C ALA A 165 -13.63 -4.02 -7.09
N ALA A 166 -13.90 -2.76 -6.79
CA ALA A 166 -14.98 -2.42 -5.87
C ALA A 166 -16.33 -2.89 -6.38
N ARG A 167 -16.62 -2.66 -7.64
CA ARG A 167 -17.88 -3.10 -8.20
C ARG A 167 -18.05 -4.61 -8.15
N GLU A 168 -17.03 -5.34 -8.55
CA GLU A 168 -17.13 -6.79 -8.57
C GLU A 168 -17.28 -7.40 -7.19
N GLY A 169 -16.68 -6.78 -6.21
CA GLY A 169 -16.72 -7.32 -4.86
C GLY A 169 -17.91 -6.89 -4.02
N ALA A 170 -18.60 -5.85 -4.45
CA ALA A 170 -19.70 -5.30 -3.67
C ALA A 170 -20.67 -6.37 -3.26
N SER A 171 -20.97 -7.27 -4.19
CA SER A 171 -21.92 -8.35 -3.96
C SER A 171 -21.57 -9.23 -2.76
N ARG A 172 -20.28 -9.53 -2.61
CA ARG A 172 -19.83 -10.39 -1.53
C ARG A 172 -19.32 -9.59 -0.38
N ASN A 173 -19.75 -8.33 -0.30
CA ASN A 173 -19.41 -7.51 0.84
C ASN A 173 -17.92 -7.19 1.01
N ILE A 174 -17.21 -7.04 -0.11
CA ILE A 174 -15.80 -6.72 -0.02
C ILE A 174 -15.55 -5.27 -0.39
N ASN A 175 -15.01 -4.49 0.56
CA ASN A 175 -14.74 -3.08 0.32
C ASN A 175 -13.36 -2.91 -0.29
N VAL A 176 -13.26 -2.03 -1.29
CA VAL A 176 -11.97 -1.77 -1.92
C VAL A 176 -11.81 -0.28 -2.06
N ASN A 177 -10.80 0.27 -1.42
CA ASN A 177 -10.58 1.70 -1.46
C ASN A 177 -9.13 2.01 -1.75
N VAL A 178 -8.84 3.25 -2.07
CA VAL A 178 -7.50 3.66 -2.41
C VAL A 178 -7.12 4.81 -1.55
N VAL A 179 -5.86 4.86 -1.16
CA VAL A 179 -5.37 5.98 -0.38
C VAL A 179 -4.31 6.64 -1.23
N CYS A 180 -4.42 7.96 -1.37
CA CYS A 180 -3.47 8.75 -2.16
C CYS A 180 -2.73 9.72 -1.28
N PRO A 181 -1.51 9.37 -0.92
CA PRO A 181 -0.74 10.27 -0.08
C PRO A 181 -0.01 11.29 -0.94
N GLY A 182 0.32 12.42 -0.33
CA GLY A 182 1.11 13.44 -0.95
C GLY A 182 2.56 13.12 -0.56
N PHE A 183 3.39 14.13 -0.34
CA PHE A 183 4.79 13.96 0.03
C PHE A 183 4.86 13.48 1.48
N ILE A 184 5.43 12.30 1.64
CA ILE A 184 5.62 11.70 2.94
C ILE A 184 7.11 11.45 3.15
N ALA A 185 7.61 11.80 4.33
CA ALA A 185 9.01 11.60 4.61
C ALA A 185 9.29 10.09 4.76
N SER A 186 10.10 9.57 3.85
CA SER A 186 10.45 8.16 3.83
C SER A 186 11.69 8.01 2.98
N ASP A 187 12.13 6.75 2.79
CA ASP A 187 13.30 6.49 1.98
C ASP A 187 13.04 6.83 0.50
N MET A 188 11.79 6.65 0.07
CA MET A 188 11.40 6.94 -1.32
C MET A 188 11.59 8.40 -1.67
N THR A 189 11.30 9.21 -0.70
CA THR A 189 11.34 10.63 -0.82
C THR A 189 12.75 11.18 -0.55
N ALA A 190 13.50 10.45 0.27
CA ALA A 190 14.87 10.83 0.55
C ALA A 190 15.66 10.75 -0.77
N LYS A 191 15.21 9.91 -1.69
CA LYS A 191 15.95 9.84 -2.93
C LYS A 191 15.89 11.02 -3.88
N LEU A 192 14.89 11.88 -3.76
CA LEU A 192 14.84 13.01 -4.69
C LEU A 192 15.81 14.06 -4.22
N GLY A 193 16.50 13.93 -3.06
CA GLY A 193 17.40 14.72 -2.84
C GLY A 193 17.20 16.16 -2.33
N GLU A 194 17.67 16.59 -1.33
CA GLU A 194 17.40 17.77 -0.40
C GLU A 194 16.91 19.16 -0.93
N ASP A 195 17.95 19.63 -1.96
CA ASP A 195 17.55 20.93 -2.54
C ASP A 195 16.14 20.80 -3.13
N MET A 196 15.74 19.60 -3.64
CA MET A 196 14.43 19.30 -4.30
C MET A 196 13.33 19.15 -3.25
N GLU A 197 13.66 18.48 -2.16
CA GLU A 197 12.75 18.27 -1.05
C GLU A 197 12.29 19.60 -0.47
N LYS A 198 13.21 20.55 -0.38
CA LYS A 198 12.91 21.88 0.09
C LYS A 198 12.00 22.58 -0.91
N LYS A 199 12.32 22.44 -2.19
CA LYS A 199 11.52 23.04 -3.24
C LYS A 199 10.07 22.59 -3.12
N ILE A 200 9.87 21.30 -2.94
CA ILE A 200 8.53 20.74 -2.83
C ILE A 200 7.78 21.26 -1.60
N LEU A 201 8.52 21.55 -0.55
CA LEU A 201 7.93 22.02 0.69
C LEU A 201 7.20 23.38 0.61
N GLY A 202 7.54 24.20 -0.37
CA GLY A 202 6.90 25.50 -0.51
C GLY A 202 5.67 25.37 -1.37
N THR A 203 5.40 24.14 -1.79
CA THR A 203 4.29 23.80 -2.66
C THR A 203 3.11 23.25 -1.84
N ILE A 204 3.42 22.92 -0.59
CA ILE A 204 2.47 22.32 0.34
C ILE A 204 1.82 23.36 1.23
N PRO A 205 0.55 23.61 0.99
CA PRO A 205 -0.20 24.62 1.76
C PRO A 205 0.03 24.47 3.25
N LEU A 206 -0.05 23.25 3.79
CA LEU A 206 0.18 23.07 5.23
C LEU A 206 1.67 23.18 5.64
N GLY A 207 2.54 23.48 4.67
CA GLY A 207 3.99 23.65 4.88
C GLY A 207 4.66 22.63 5.79
N ARG A 208 4.42 21.36 5.50
CA ARG A 208 4.93 20.28 6.31
C ARG A 208 4.88 19.04 5.42
N THR A 209 5.89 18.18 5.50
CA THR A 209 5.85 16.96 4.71
C THR A 209 5.07 16.03 5.62
N GLY A 210 4.40 15.04 5.07
CA GLY A 210 3.61 14.14 5.90
C GLY A 210 4.51 13.07 6.47
N GLN A 211 4.01 12.32 7.45
CA GLN A 211 4.77 11.25 8.08
C GLN A 211 4.09 9.95 7.79
N PRO A 212 4.87 8.89 7.81
CA PRO A 212 4.33 7.57 7.58
C PRO A 212 3.15 7.29 8.53
N GLU A 213 3.22 7.83 9.73
CA GLU A 213 2.16 7.59 10.69
C GLU A 213 0.87 8.26 10.30
N ASN A 214 0.99 9.33 9.54
CA ASN A 214 -0.21 10.01 9.07
C ASN A 214 -0.97 9.06 8.16
N VAL A 215 -0.27 8.43 7.22
CA VAL A 215 -0.94 7.49 6.31
C VAL A 215 -1.50 6.30 7.06
N ALA A 216 -0.72 5.76 7.98
CA ALA A 216 -1.15 4.61 8.75
C ALA A 216 -2.45 4.90 9.49
N GLY A 217 -2.56 6.10 10.03
CA GLY A 217 -3.77 6.47 10.76
C GLY A 217 -4.98 6.32 9.88
N LEU A 218 -4.90 6.86 8.67
CA LEU A 218 -6.02 6.78 7.75
C LEU A 218 -6.30 5.33 7.30
N VAL A 219 -5.23 4.59 7.08
CA VAL A 219 -5.38 3.19 6.64
C VAL A 219 -6.02 2.41 7.74
N GLU A 220 -5.62 2.69 8.97
CA GLU A 220 -6.20 1.98 10.11
C GLU A 220 -7.71 2.22 10.19
N PHE A 221 -8.13 3.47 9.97
CA PHE A 221 -9.56 3.78 9.96
C PHE A 221 -10.28 2.95 8.91
N LEU A 222 -9.76 2.98 7.68
CA LEU A 222 -10.36 2.21 6.62
C LEU A 222 -10.36 0.70 6.85
N ALA A 223 -9.33 0.21 7.53
CA ALA A 223 -9.20 -1.24 7.72
C ALA A 223 -10.01 -1.78 8.85
N LEU A 224 -10.11 -1.01 9.93
CA LEU A 224 -10.76 -1.49 11.15
C LEU A 224 -12.12 -0.93 11.52
N SER A 225 -12.36 0.32 11.17
CA SER A 225 -13.60 1.02 11.51
C SER A 225 -14.89 0.37 11.00
N PRO A 226 -15.91 0.30 11.85
CA PRO A 226 -17.18 -0.27 11.42
C PRO A 226 -17.77 0.69 10.41
N ALA A 227 -17.46 1.98 10.58
CA ALA A 227 -17.97 3.03 9.66
C ALA A 227 -17.45 2.80 8.23
N ALA A 228 -16.19 2.44 8.12
CA ALA A 228 -15.58 2.21 6.82
C ALA A 228 -16.17 1.03 6.06
N SER A 229 -17.10 0.31 6.64
CA SER A 229 -17.70 -0.81 5.93
C SER A 229 -18.70 -0.29 4.91
N TYR A 230 -18.98 0.99 4.97
CA TYR A 230 -19.92 1.59 4.04
C TYR A 230 -19.20 2.40 2.95
N ILE A 231 -17.88 2.37 3.00
CA ILE A 231 -17.06 3.06 2.03
C ILE A 231 -16.40 2.11 1.00
N THR A 232 -16.68 2.30 -0.30
CA THR A 232 -16.02 1.51 -1.37
C THR A 232 -15.83 2.33 -2.60
N GLY A 233 -14.88 1.90 -3.40
CA GLY A 233 -14.56 2.50 -4.68
C GLY A 233 -14.13 3.95 -4.59
N GLN A 234 -13.60 4.37 -3.46
CA GLN A 234 -13.18 5.75 -3.33
C GLN A 234 -11.69 5.91 -3.14
N ALA A 235 -11.19 7.11 -3.48
CA ALA A 235 -9.80 7.45 -3.28
C ALA A 235 -9.77 8.53 -2.21
N PHE A 236 -8.90 8.34 -1.23
CA PHE A 236 -8.80 9.25 -0.10
C PHE A 236 -7.43 9.89 -0.09
N THR A 237 -7.41 11.21 -0.17
CA THR A 237 -6.17 11.93 -0.27
C THR A 237 -5.70 12.64 1.01
N ILE A 238 -4.46 12.34 1.42
CA ILE A 238 -3.76 12.94 2.63
C ILE A 238 -2.52 13.55 2.02
N ASP A 239 -2.57 14.82 1.74
CA ASP A 239 -1.45 15.42 1.05
C ASP A 239 -1.15 16.81 1.51
N GLY A 240 -1.71 17.18 2.64
CA GLY A 240 -1.44 18.51 3.19
C GLY A 240 -1.84 19.69 2.28
N GLY A 241 -2.70 19.44 1.31
CA GLY A 241 -3.19 20.50 0.47
C GLY A 241 -2.72 20.58 -0.97
N ILE A 242 -1.83 19.68 -1.42
CA ILE A 242 -1.39 19.74 -2.82
C ILE A 242 -2.48 19.65 -3.87
N ALA A 243 -3.27 18.59 -3.79
CA ALA A 243 -4.29 18.34 -4.78
C ALA A 243 -5.67 18.88 -4.45
N ILE A 244 -5.73 20.11 -4.01
CA ILE A 244 -7.02 20.78 -3.76
C ILE A 244 -7.46 21.30 -5.13
#